data_1X8I
#
_entry.id   1X8I
#
_cell.length_a   42.836
_cell.length_b   101.513
_cell.length_c   117.364
_cell.angle_alpha   90.00
_cell.angle_beta   90.00
_cell.angle_gamma   90.00
#
_symmetry.space_group_name_H-M   'C 2 2 21'
#
loop_
_entity.id
_entity.type
_entity.pdbx_description
1 polymer Beta-lactamase
2 non-polymer 'ZINC ION'
3 non-polymer 'SULFATE ION'
4 non-polymer '5H-PYRAZOLO(1,2-A)(1,2,4)TRIAZOL-4-IUM, 6-((2-CARBOXY-6-(1-HYDROXYETHYL)-4-METHYL-7-OXO-1-AZABICYCLO(3.2.0)HEPT-2-EN-3-YL)THIO)-6,7-DIHYDRO-, HYDROXIDE, INNER SALT, (4R-(4ALPHA,5BETA,6BETA(R*)))-'
5 non-polymer GLYCEROL
6 water water
#
_entity_poly.entity_id   1
_entity_poly.type   'polypeptide(L)'
_entity_poly.pdbx_seq_one_letter_code
;AGMSLTQVSGPVYVVEDNYYVQENSMVYFGAKGVTVVGATWTPDTARELHKLIKRVSRKPVLEVINTNYHTDRAGGNAYW
KSIGAKVVSTRQTRDLMKSDWAEIVAFTRKGLPEYPDLPLVLPNVVHDGDFTLQEGKVRAFYAGPAHTPDGIFVYFPDEQ
VLYGGCILKEKLGNLSFADVKAYPQTLERLKAMKLPIKTVIGGHDSPLHGPELIDHYEALIKAAPQS
;
_entity_poly.pdbx_strand_id   A
#
# COMPACT_ATOMS: atom_id res chain seq x y z
N ALA A 1 -2.01 18.44 -9.13
CA ALA A 1 -3.36 17.86 -9.45
C ALA A 1 -3.79 17.02 -8.24
N GLY A 2 -5.03 16.50 -8.30
CA GLY A 2 -5.62 15.64 -7.28
C GLY A 2 -4.82 14.35 -7.06
N MET A 3 -4.25 13.88 -8.15
CA MET A 3 -3.41 12.66 -8.15
C MET A 3 -2.36 12.77 -9.22
N SER A 4 -1.16 12.29 -8.91
CA SER A 4 -0.03 12.24 -9.84
C SER A 4 0.56 10.83 -9.87
N LEU A 5 1.18 10.50 -10.99
CA LEU A 5 1.78 9.23 -11.23
C LEU A 5 3.12 9.56 -11.89
N THR A 6 4.20 9.20 -11.20
CA THR A 6 5.53 9.62 -11.62
C THR A 6 6.52 8.45 -11.57
N GLN A 7 7.39 8.39 -12.56
CA GLN A 7 8.39 7.33 -12.62
C GLN A 7 9.44 7.52 -11.50
N VAL A 8 9.72 6.45 -10.78
CA VAL A 8 10.82 6.44 -9.80
C VAL A 8 12.06 5.76 -10.42
N SER A 9 11.87 4.57 -11.02
CA SER A 9 12.92 3.83 -11.67
C SER A 9 12.29 2.81 -12.62
N GLY A 10 12.57 2.96 -13.91
CA GLY A 10 12.15 2.02 -14.94
C GLY A 10 10.65 1.83 -14.88
N PRO A 11 10.16 0.60 -14.67
CA PRO A 11 8.72 0.30 -14.67
C PRO A 11 7.99 0.62 -13.35
N VAL A 12 8.76 1.10 -12.37
CA VAL A 12 8.27 1.40 -11.01
C VAL A 12 7.91 2.89 -10.93
N TYR A 13 6.64 3.17 -10.65
CA TYR A 13 6.05 4.50 -10.53
C TYR A 13 5.43 4.71 -9.14
N VAL A 14 5.44 5.95 -8.66
CA VAL A 14 4.79 6.33 -7.42
C VAL A 14 3.54 7.15 -7.71
N VAL A 15 2.47 6.79 -6.99
CA VAL A 15 1.21 7.50 -7.02
C VAL A 15 1.16 8.43 -5.81
N GLU A 16 0.93 9.73 -6.02
CA GLU A 16 0.61 10.64 -4.92
C GLU A 16 -0.86 10.95 -5.04
N ASP A 17 -1.60 10.44 -4.08
CA ASP A 17 -3.04 10.57 -4.02
C ASP A 17 -3.36 11.63 -2.95
N ASN A 18 -3.67 12.83 -3.42
CA ASN A 18 -3.89 13.98 -2.57
C ASN A 18 -5.30 14.13 -2.00
N TYR A 19 -6.19 13.19 -2.33
CA TYR A 19 -7.52 13.16 -1.72
C TYR A 19 -7.43 12.77 -0.25
N TYR A 20 -8.33 13.36 0.55
CA TYR A 20 -8.49 13.08 1.97
C TYR A 20 -7.18 13.36 2.68
N VAL A 21 -6.55 12.37 3.50
CA VAL A 21 -5.18 12.54 3.95
C VAL A 21 -4.32 11.95 2.84
N GLN A 22 -3.41 12.76 2.30
CA GLN A 22 -2.52 12.30 1.23
C GLN A 22 -1.95 10.92 1.55
N GLU A 23 -2.03 10.03 0.54
CA GLU A 23 -1.50 8.69 0.63
C GLU A 23 -0.74 8.42 -0.65
N ASN A 24 0.36 7.70 -0.52
CA ASN A 24 1.17 7.36 -1.70
C ASN A 24 1.13 5.87 -1.90
N SER A 25 1.00 5.47 -3.17
CA SER A 25 0.86 4.08 -3.59
C SER A 25 1.81 3.83 -4.75
N MET A 26 1.82 2.61 -5.27
CA MET A 26 2.77 2.26 -6.33
C MET A 26 2.08 1.70 -7.57
N VAL A 27 2.73 1.83 -8.71
CA VAL A 27 2.29 1.16 -9.95
C VAL A 27 3.51 0.55 -10.62
N TYR A 28 3.38 -0.70 -11.09
CA TYR A 28 4.45 -1.40 -11.81
C TYR A 28 3.94 -1.71 -13.22
N PHE A 29 4.60 -1.16 -14.24
CA PHE A 29 4.22 -1.39 -15.64
C PHE A 29 4.97 -2.57 -16.19
N GLY A 30 4.29 -3.71 -16.25
CA GLY A 30 4.91 -4.95 -16.69
C GLY A 30 4.74 -5.27 -18.16
N ALA A 31 5.32 -6.38 -18.58
CA ALA A 31 5.30 -6.75 -20.01
C ALA A 31 3.90 -7.20 -20.46
N LYS A 32 3.16 -7.88 -19.60
CA LYS A 32 1.79 -8.35 -19.96
C LYS A 32 0.70 -7.44 -19.38
N GLY A 33 1.04 -6.63 -18.40
CA GLY A 33 0.05 -5.78 -17.77
C GLY A 33 0.57 -5.04 -16.56
N VAL A 34 -0.35 -4.34 -15.91
CA VAL A 34 -0.02 -3.39 -14.84
C VAL A 34 -0.42 -3.97 -13.47
N THR A 35 0.45 -3.81 -12.49
CA THR A 35 0.14 -4.12 -11.07
C THR A 35 0.05 -2.85 -10.26
N VAL A 36 -1.04 -2.66 -9.52
CA VAL A 36 -1.20 -1.47 -8.67
C VAL A 36 -0.93 -1.98 -7.26
N VAL A 37 -0.11 -1.23 -6.52
CA VAL A 37 0.15 -1.56 -5.11
C VAL A 37 -0.49 -0.51 -4.22
N GLY A 38 -1.61 -0.88 -3.61
CA GLY A 38 -2.42 0.03 -2.84
C GLY A 38 -3.58 0.49 -3.72
N ALA A 39 -4.80 0.26 -3.26
CA ALA A 39 -5.97 0.45 -4.14
C ALA A 39 -6.44 1.90 -4.20
N THR A 40 -5.80 2.75 -3.39
CA THR A 40 -6.22 4.16 -3.15
C THR A 40 -7.51 4.27 -2.35
N TRP A 41 -7.86 5.51 -1.99
CA TRP A 41 -8.91 5.82 -1.01
C TRP A 41 -10.33 5.39 -1.37
N THR A 42 -10.76 5.63 -2.62
CA THR A 42 -12.13 5.29 -3.01
C THR A 42 -12.22 4.77 -4.44
N PRO A 43 -13.39 4.28 -4.84
CA PRO A 43 -13.60 3.94 -6.26
C PRO A 43 -13.34 5.13 -7.19
N ASP A 44 -13.71 6.33 -6.80
CA ASP A 44 -13.48 7.50 -7.61
C ASP A 44 -11.96 7.82 -7.70
N THR A 45 -11.19 7.72 -6.60
CA THR A 45 -9.74 7.94 -6.71
C THR A 45 -9.07 6.83 -7.52
N ALA A 46 -9.57 5.59 -7.44
CA ALA A 46 -9.04 4.49 -8.24
C ALA A 46 -9.28 4.80 -9.72
N ARG A 47 -10.47 5.32 -10.06
CA ARG A 47 -10.77 5.66 -11.46
C ARG A 47 -9.82 6.77 -11.93
N GLU A 48 -9.52 7.72 -11.05
CA GLU A 48 -8.54 8.79 -11.40
C GLU A 48 -7.13 8.23 -11.67
N LEU A 49 -6.70 7.29 -10.82
CA LEU A 49 -5.43 6.60 -11.09
C LEU A 49 -5.51 5.83 -12.43
N HIS A 50 -6.60 5.12 -12.71
CA HIS A 50 -6.70 4.37 -13.97
C HIS A 50 -6.49 5.30 -15.17
N LYS A 51 -7.04 6.51 -15.09
CA LYS A 51 -6.95 7.48 -16.19
C LYS A 51 -5.51 7.82 -16.47
N LEU A 52 -4.71 8.00 -15.41
CA LEU A 52 -3.29 8.27 -15.58
C LEU A 52 -2.54 7.06 -16.14
N ILE A 53 -2.91 5.86 -15.68
CA ILE A 53 -2.29 4.62 -16.13
C ILE A 53 -2.47 4.46 -17.67
N LYS A 54 -3.68 4.70 -18.14
CA LYS A 54 -4.06 4.59 -19.56
C LYS A 54 -3.32 5.60 -20.44
N ARG A 55 -2.74 6.83 -19.85
CA ARG A 55 -1.86 7.68 -20.64
C ARG A 55 -0.43 7.17 -20.78
N VAL A 56 -0.07 6.17 -19.97
CA VAL A 56 1.25 5.57 -19.96
C VAL A 56 1.31 4.24 -20.70
N SER A 57 0.31 3.40 -20.55
CA SER A 57 0.35 2.07 -21.14
C SER A 57 -1.07 1.64 -21.54
N ARG A 58 -1.15 0.89 -22.64
CA ARG A 58 -2.40 0.25 -23.06
C ARG A 58 -2.65 -1.10 -22.44
N LYS A 59 -1.67 -1.60 -21.68
CA LYS A 59 -1.76 -2.95 -21.15
C LYS A 59 -2.73 -3.02 -19.98
N PRO A 60 -3.55 -4.30 -19.89
CA PRO A 60 -4.57 -4.35 -18.84
C PRO A 60 -4.02 -4.12 -17.43
N VAL A 61 -4.85 -3.58 -16.53
CA VAL A 61 -4.55 -3.61 -15.11
C VAL A 61 -4.93 -5.04 -14.63
N LEU A 62 -3.92 -5.83 -14.26
CA LEU A 62 -4.09 -7.23 -13.96
C LEU A 62 -4.54 -7.44 -12.51
N GLU A 63 -3.95 -6.67 -11.59
CA GLU A 63 -4.18 -6.88 -10.17
C GLU A 63 -3.81 -5.65 -9.37
N VAL A 64 -4.44 -5.54 -8.20
CA VAL A 64 -4.20 -4.49 -7.24
C VAL A 64 -3.98 -5.19 -5.88
N ILE A 65 -2.93 -4.80 -5.16
CA ILE A 65 -2.61 -5.37 -3.85
C ILE A 65 -3.13 -4.45 -2.71
N ASN A 66 -3.85 -5.05 -1.75
CA ASN A 66 -4.23 -4.36 -0.53
C ASN A 66 -3.11 -4.66 0.48
N THR A 67 -2.28 -3.66 0.76
CA THR A 67 -1.15 -3.85 1.68
C THR A 67 -1.57 -3.88 3.17
N ASN A 68 -2.76 -3.40 3.46
CA ASN A 68 -3.48 -3.74 4.70
C ASN A 68 -4.97 -3.67 4.42
N TYR A 69 -5.82 -3.86 5.45
CA TYR A 69 -7.27 -3.97 5.27
C TYR A 69 -8.00 -2.63 5.38
N HIS A 70 -7.24 -1.55 5.57
CA HIS A 70 -7.79 -0.22 5.77
C HIS A 70 -8.22 0.48 4.49
N THR A 71 -8.95 1.57 4.69
CA THR A 71 -9.57 2.34 3.65
C THR A 71 -8.59 2.96 2.67
N ASP A 72 -7.41 3.41 3.17
CA ASP A 72 -6.44 4.04 2.28
C ASP A 72 -5.69 3.05 1.38
N ARG A 73 -5.72 1.77 1.73
CA ARG A 73 -5.13 0.71 0.89
C ARG A 73 -6.12 -0.19 0.16
N ALA A 74 -7.40 -0.15 0.54
CA ALA A 74 -8.45 -1.02 -0.07
C ALA A 74 -9.68 -0.32 -0.54
N GLY A 75 -9.73 1.00 -0.32
CA GLY A 75 -10.94 1.73 -0.69
C GLY A 75 -11.34 1.73 -2.16
N GLY A 76 -10.36 1.68 -3.03
CA GLY A 76 -10.61 1.59 -4.46
C GLY A 76 -11.15 0.25 -4.98
N ASN A 77 -11.27 -0.77 -4.14
CA ASN A 77 -11.44 -2.16 -4.62
C ASN A 77 -12.66 -2.34 -5.56
N ALA A 78 -13.77 -1.68 -5.26
CA ALA A 78 -14.97 -1.78 -6.09
C ALA A 78 -14.67 -1.48 -7.56
N TYR A 79 -13.84 -0.46 -7.79
CA TYR A 79 -13.51 0.02 -9.12
C TYR A 79 -12.61 -1.00 -9.79
N TRP A 80 -11.59 -1.44 -9.07
CA TRP A 80 -10.65 -2.40 -9.66
C TRP A 80 -11.34 -3.74 -10.05
N LYS A 81 -12.24 -4.23 -9.21
CA LYS A 81 -13.02 -5.42 -9.55
C LYS A 81 -13.88 -5.15 -10.77
N SER A 82 -14.47 -3.96 -10.83
CA SER A 82 -15.38 -3.59 -11.90
C SER A 82 -14.71 -3.65 -13.27
N ILE A 83 -13.43 -3.32 -13.33
CA ILE A 83 -12.71 -3.36 -14.62
C ILE A 83 -12.03 -4.70 -14.76
N GLY A 84 -12.24 -5.85 -13.96
CA GLY A 84 -11.64 -7.15 -14.26
C GLY A 84 -10.28 -7.36 -13.63
N ALA A 85 -9.77 -6.39 -12.85
CA ALA A 85 -8.51 -6.60 -12.16
C ALA A 85 -8.76 -7.48 -10.93
N LYS A 86 -7.82 -8.36 -10.64
CA LYS A 86 -7.83 -9.14 -9.41
C LYS A 86 -7.48 -8.22 -8.24
N VAL A 87 -8.10 -8.48 -7.08
CA VAL A 87 -7.75 -7.80 -5.85
C VAL A 87 -7.04 -8.83 -4.94
N VAL A 88 -5.83 -8.49 -4.53
CA VAL A 88 -4.88 -9.45 -3.99
C VAL A 88 -4.51 -9.05 -2.58
N SER A 89 -4.51 -10.02 -1.70
CA SER A 89 -4.01 -9.78 -0.35
C SER A 89 -3.57 -11.05 0.33
N THR A 90 -2.99 -10.91 1.52
CA THR A 90 -2.77 -12.08 2.38
C THR A 90 -4.11 -12.54 2.98
N ARG A 91 -4.15 -13.78 3.44
CA ARG A 91 -5.32 -14.29 4.16
C ARG A 91 -5.64 -13.44 5.39
N GLN A 92 -4.64 -13.05 6.16
CA GLN A 92 -4.83 -12.24 7.36
C GLN A 92 -5.50 -10.91 7.03
N THR A 93 -5.04 -10.24 5.95
CA THR A 93 -5.64 -8.95 5.55
C THR A 93 -7.11 -9.16 5.16
N ARG A 94 -7.36 -10.24 4.42
CA ARG A 94 -8.71 -10.52 3.93
C ARG A 94 -9.65 -10.79 5.12
N ASP A 95 -9.17 -11.55 6.10
CA ASP A 95 -10.00 -11.91 7.25
C ASP A 95 -10.29 -10.71 8.15
N LEU A 96 -9.29 -9.88 8.40
CA LEU A 96 -9.50 -8.61 9.11
C LEU A 96 -10.42 -7.66 8.36
N MET A 97 -10.31 -7.59 7.05
CA MET A 97 -11.20 -6.76 6.27
C MET A 97 -12.65 -7.23 6.45
N LYS A 98 -12.87 -8.53 6.43
CA LYS A 98 -14.23 -9.06 6.59
C LYS A 98 -14.86 -8.65 7.94
N SER A 99 -14.09 -8.79 8.99
CA SER A 99 -14.60 -8.60 10.33
C SER A 99 -14.58 -7.12 10.68
N ASP A 100 -13.60 -6.36 10.20
CA ASP A 100 -13.34 -5.01 10.70
C ASP A 100 -13.54 -3.86 9.70
N TRP A 101 -14.05 -4.14 8.50
CA TRP A 101 -14.22 -3.07 7.50
C TRP A 101 -15.12 -1.96 8.01
N ALA A 102 -16.29 -2.34 8.53
CA ALA A 102 -17.22 -1.34 9.06
C ALA A 102 -16.54 -0.42 10.11
N GLU A 103 -15.72 -1.00 10.97
CA GLU A 103 -15.03 -0.26 12.01
C GLU A 103 -14.00 0.74 11.43
N ILE A 104 -13.18 0.33 10.47
CA ILE A 104 -12.21 1.25 9.87
C ILE A 104 -12.88 2.36 9.03
N VAL A 105 -13.96 2.03 8.36
CA VAL A 105 -14.75 3.03 7.63
C VAL A 105 -15.31 4.08 8.60
N ALA A 106 -15.90 3.64 9.72
CA ALA A 106 -16.43 4.55 10.73
C ALA A 106 -15.29 5.38 11.35
N PHE A 107 -14.16 4.75 11.62
CA PHE A 107 -13.02 5.47 12.19
C PHE A 107 -12.49 6.53 11.19
N THR A 108 -12.47 6.16 9.90
CA THR A 108 -11.96 7.05 8.85
C THR A 108 -12.85 8.28 8.76
N ARG A 109 -14.15 8.03 8.87
CA ARG A 109 -15.15 9.05 8.77
C ARG A 109 -15.23 9.97 9.96
N LYS A 110 -14.72 9.55 11.11
CA LYS A 110 -14.63 10.42 12.27
C LYS A 110 -13.73 11.61 11.90
N GLY A 111 -12.58 11.35 11.28
CA GLY A 111 -11.66 12.42 10.91
C GLY A 111 -11.97 13.08 9.57
N LEU A 112 -12.66 12.32 8.70
CA LEU A 112 -12.96 12.68 7.33
C LEU A 112 -14.44 12.41 7.05
N PRO A 113 -15.35 13.22 7.60
CA PRO A 113 -16.78 12.95 7.41
C PRO A 113 -17.23 12.89 5.93
N GLU A 114 -16.51 13.61 5.07
CA GLU A 114 -16.73 13.62 3.61
C GLU A 114 -16.43 12.28 2.92
N TYR A 115 -15.67 11.43 3.61
CA TYR A 115 -15.34 10.09 3.10
C TYR A 115 -16.58 9.20 3.00
N PRO A 116 -16.77 8.51 1.86
CA PRO A 116 -18.00 7.72 1.63
C PRO A 116 -18.11 6.47 2.54
N ASP A 117 -19.36 6.12 2.86
CA ASP A 117 -19.69 4.89 3.57
C ASP A 117 -19.63 3.71 2.60
N LEU A 118 -18.43 3.28 2.33
CA LEU A 118 -18.17 2.29 1.33
C LEU A 118 -18.54 0.85 1.76
N PRO A 119 -19.29 0.17 0.93
CA PRO A 119 -19.53 -1.25 1.18
C PRO A 119 -18.24 -2.07 1.09
N LEU A 120 -18.24 -3.17 1.83
CA LEU A 120 -17.16 -4.16 1.81
C LEU A 120 -16.96 -4.77 0.42
N VAL A 121 -15.70 -4.77 -0.03
CA VAL A 121 -15.28 -5.40 -1.26
C VAL A 121 -13.98 -6.17 -0.95
N LEU A 122 -14.10 -7.49 -0.85
CA LEU A 122 -12.98 -8.32 -0.42
C LEU A 122 -12.02 -8.67 -1.56
N PRO A 123 -10.75 -8.91 -1.20
CA PRO A 123 -9.81 -9.51 -2.14
C PRO A 123 -10.40 -10.80 -2.71
N ASN A 124 -10.22 -11.03 -4.01
CA ASN A 124 -10.58 -12.34 -4.62
C ASN A 124 -9.41 -13.25 -4.93
N VAL A 125 -8.18 -12.80 -4.67
CA VAL A 125 -6.98 -13.64 -4.73
C VAL A 125 -6.25 -13.47 -3.38
N VAL A 126 -6.15 -14.55 -2.61
CA VAL A 126 -5.75 -14.50 -1.22
C VAL A 126 -4.59 -15.45 -1.03
N HIS A 127 -3.50 -14.96 -0.44
CA HIS A 127 -2.26 -15.72 -0.27
C HIS A 127 -2.04 -16.12 1.19
N ASP A 128 -1.67 -17.39 1.42
CA ASP A 128 -1.40 -17.85 2.78
C ASP A 128 0.01 -17.54 3.25
N GLY A 129 0.87 -17.17 2.33
CA GLY A 129 2.23 -16.79 2.67
C GLY A 129 2.69 -15.55 1.94
N ASP A 130 4.00 -15.37 1.89
CA ASP A 130 4.57 -14.35 1.03
C ASP A 130 4.33 -14.75 -0.44
N PHE A 131 4.40 -13.76 -1.32
CA PHE A 131 4.06 -13.99 -2.71
C PHE A 131 4.72 -12.98 -3.66
N THR A 132 4.78 -13.33 -4.94
CA THR A 132 5.35 -12.47 -5.94
C THR A 132 4.39 -12.29 -7.11
N LEU A 133 4.60 -11.22 -7.83
CA LEU A 133 3.89 -10.94 -9.07
C LEU A 133 4.93 -10.53 -10.11
N GLN A 134 4.47 -10.39 -11.36
CA GLN A 134 5.27 -9.81 -12.43
C GLN A 134 6.56 -10.61 -12.64
N GLU A 135 6.42 -11.93 -12.74
CA GLU A 135 7.55 -12.86 -12.88
C GLU A 135 8.66 -12.66 -11.83
N GLY A 136 8.26 -12.45 -10.57
CA GLY A 136 9.22 -12.28 -9.48
C GLY A 136 9.76 -10.87 -9.25
N LYS A 137 9.28 -9.89 -10.01
CA LYS A 137 9.78 -8.50 -10.00
C LYS A 137 9.03 -7.59 -9.01
N VAL A 138 7.96 -8.12 -8.45
CA VAL A 138 7.17 -7.47 -7.38
C VAL A 138 7.00 -8.53 -6.25
N ARG A 139 7.58 -8.28 -5.09
CA ARG A 139 7.69 -9.29 -4.02
C ARG A 139 7.06 -8.79 -2.75
N ALA A 140 5.97 -9.44 -2.36
CA ALA A 140 5.20 -9.06 -1.20
C ALA A 140 5.46 -9.99 -0.02
N PHE A 141 5.75 -9.41 1.13
CA PHE A 141 6.06 -10.20 2.32
C PHE A 141 5.61 -9.58 3.63
N TYR A 142 5.41 -10.48 4.61
CA TYR A 142 5.01 -10.12 5.96
C TYR A 142 6.20 -10.31 6.87
N ALA A 143 6.49 -9.31 7.69
CA ALA A 143 7.60 -9.35 8.66
C ALA A 143 7.14 -9.01 10.08
N GLY A 144 5.84 -9.15 10.33
CA GLY A 144 5.26 -8.94 11.65
C GLY A 144 4.34 -7.72 11.74
N PRO A 145 3.66 -7.58 12.87
CA PRO A 145 2.72 -6.47 13.07
C PRO A 145 3.43 -5.14 13.30
N ALA A 146 2.74 -4.05 12.95
CA ALA A 146 3.28 -2.72 13.14
C ALA A 146 2.12 -1.71 13.26
N HIS A 147 1.90 -0.93 12.21
CA HIS A 147 0.81 0.06 12.18
C HIS A 147 -0.57 -0.62 12.26
N THR A 148 -0.73 -1.77 11.60
CA THR A 148 -1.83 -2.69 11.84
C THR A 148 -1.21 -4.07 12.04
N PRO A 149 -1.98 -5.05 12.47
CA PRO A 149 -1.41 -6.41 12.63
C PRO A 149 -0.93 -7.05 11.34
N ASP A 150 -1.49 -6.63 10.21
CA ASP A 150 -1.41 -7.34 8.95
C ASP A 150 -0.58 -6.70 7.82
N GLY A 151 -0.14 -5.45 8.02
CA GLY A 151 0.56 -4.72 6.97
C GLY A 151 1.76 -5.45 6.36
N ILE A 152 1.81 -5.47 5.03
CA ILE A 152 2.87 -6.14 4.32
C ILE A 152 3.76 -5.14 3.60
N PHE A 153 4.97 -5.59 3.26
CA PHE A 153 5.91 -4.80 2.46
C PHE A 153 5.91 -5.30 1.04
N VAL A 154 6.20 -4.40 0.12
CA VAL A 154 6.36 -4.79 -1.25
C VAL A 154 7.73 -4.29 -1.74
N TYR A 155 8.54 -5.22 -2.24
CA TYR A 155 9.89 -4.96 -2.70
C TYR A 155 10.03 -5.22 -4.18
N PHE A 156 10.74 -4.32 -4.84
CA PHE A 156 11.01 -4.34 -6.28
C PHE A 156 12.51 -4.51 -6.47
N PRO A 157 13.00 -5.88 -6.64
CA PRO A 157 14.45 -6.15 -6.56
C PRO A 157 15.27 -5.45 -7.65
N ASP A 158 14.72 -5.32 -8.87
CA ASP A 158 15.52 -4.77 -9.98
C ASP A 158 15.87 -3.31 -9.74
N GLU A 159 14.91 -2.58 -9.20
CA GLU A 159 15.03 -1.15 -8.97
C GLU A 159 15.50 -0.81 -7.57
N GLN A 160 15.56 -1.81 -6.58
CA GLN A 160 15.95 -1.65 -5.18
C GLN A 160 15.05 -0.60 -4.51
N VAL A 161 13.73 -0.75 -4.75
CA VAL A 161 12.73 0.12 -4.16
C VAL A 161 11.91 -0.70 -3.18
N LEU A 162 11.73 -0.19 -1.96
CA LEU A 162 10.88 -0.81 -0.94
C LEU A 162 9.68 0.10 -0.69
N TYR A 163 8.48 -0.49 -0.72
CA TYR A 163 7.26 0.17 -0.25
C TYR A 163 6.71 -0.52 0.98
N GLY A 164 6.35 0.24 1.99
CA GLY A 164 5.78 -0.34 3.20
C GLY A 164 4.36 0.10 3.49
N GLY A 165 3.69 0.69 2.51
CA GLY A 165 2.37 1.23 2.74
C GLY A 165 2.39 2.15 3.94
N CYS A 166 1.42 1.99 4.83
CA CYS A 166 1.32 2.83 6.04
C CYS A 166 2.44 2.64 7.09
N ILE A 167 3.29 1.63 6.95
CA ILE A 167 4.32 1.33 7.96
C ILE A 167 5.42 2.42 8.01
N LEU A 168 5.77 2.95 6.85
CA LEU A 168 6.92 3.86 6.71
C LEU A 168 6.40 5.18 6.16
N LYS A 169 6.91 6.25 6.75
CA LYS A 169 6.39 7.62 6.52
C LYS A 169 7.22 8.59 7.41
N GLU A 170 6.97 9.89 7.30
CA GLU A 170 7.77 10.90 7.98
C GLU A 170 7.28 11.22 9.37
N LYS A 171 5.97 11.30 9.49
CA LYS A 171 5.38 11.67 10.74
C LYS A 171 4.81 10.41 11.42
N LEU A 172 4.75 10.37 12.89
CA LEU A 172 4.24 9.22 13.66
C LEU A 172 2.92 8.67 13.08
N GLY A 173 1.99 9.56 12.77
CA GLY A 173 0.72 9.18 12.14
C GLY A 173 -0.19 8.58 13.19
N ASN A 174 -1.13 7.76 12.77
CA ASN A 174 -2.18 7.32 13.65
C ASN A 174 -1.89 5.94 14.18
N LEU A 175 -1.81 5.82 15.52
CA LEU A 175 -1.38 4.56 16.20
C LEU A 175 -2.52 3.77 16.85
N SER A 176 -3.76 4.12 16.53
CA SER A 176 -4.95 3.52 17.14
C SER A 176 -5.08 2.01 16.88
N PHE A 177 -4.54 1.52 15.76
CA PHE A 177 -4.56 0.09 15.41
C PHE A 177 -3.18 -0.62 15.57
N ALA A 178 -2.20 0.10 16.06
CA ALA A 178 -0.80 -0.34 15.99
C ALA A 178 -0.44 -1.23 17.17
N ASP A 179 0.61 -2.03 17.00
CA ASP A 179 1.23 -2.71 18.12
C ASP A 179 2.53 -1.96 18.37
N VAL A 180 2.50 -1.00 19.27
CA VAL A 180 3.62 -0.07 19.42
C VAL A 180 4.94 -0.74 19.83
N LYS A 181 4.86 -1.71 20.73
CA LYS A 181 6.07 -2.44 21.15
C LYS A 181 6.61 -3.36 20.06
N ALA A 182 5.74 -4.01 19.28
CA ALA A 182 6.20 -4.85 18.17
C ALA A 182 6.73 -4.04 16.98
N TYR A 183 6.29 -2.81 16.82
CA TYR A 183 6.61 -2.00 15.63
C TYR A 183 8.10 -2.02 15.35
N PRO A 184 8.97 -1.62 16.30
CA PRO A 184 10.39 -1.59 16.00
C PRO A 184 10.96 -2.99 15.81
N GLN A 185 10.37 -4.01 16.44
CA GLN A 185 10.80 -5.36 16.20
C GLN A 185 10.53 -5.81 14.76
N THR A 186 9.40 -5.38 14.23
CA THR A 186 9.11 -5.62 12.82
C THR A 186 10.07 -4.89 11.89
N LEU A 187 10.33 -3.63 12.17
CA LEU A 187 11.33 -2.92 11.39
C LEU A 187 12.71 -3.55 11.50
N GLU A 188 13.04 -4.14 12.65
CA GLU A 188 14.37 -4.77 12.78
C GLU A 188 14.43 -6.11 12.07
N ARG A 189 13.31 -6.83 12.05
CA ARG A 189 13.22 -8.03 11.25
C ARG A 189 13.44 -7.71 9.75
N LEU A 190 12.81 -6.62 9.31
CA LEU A 190 12.95 -6.13 7.93
C LEU A 190 14.42 -5.80 7.66
N LYS A 191 15.04 -5.00 8.53
CA LYS A 191 16.46 -4.62 8.31
C LYS A 191 17.37 -5.83 8.27
N ALA A 192 17.04 -6.87 9.03
CA ALA A 192 17.87 -8.08 9.07
C ALA A 192 17.83 -8.90 7.78
N MET A 193 16.85 -8.66 6.92
CA MET A 193 16.82 -9.29 5.61
C MET A 193 17.91 -8.82 4.68
N LYS A 194 18.46 -7.65 4.98
CA LYS A 194 19.57 -7.06 4.21
C LYS A 194 19.22 -6.94 2.73
N LEU A 195 18.02 -6.48 2.45
CA LEU A 195 17.60 -6.23 1.07
C LEU A 195 18.39 -5.04 0.52
N PRO A 196 18.95 -5.15 -0.68
CA PRO A 196 19.51 -3.97 -1.38
C PRO A 196 18.39 -2.95 -1.60
N ILE A 197 18.49 -1.81 -0.90
CA ILE A 197 17.50 -0.74 -1.01
C ILE A 197 18.20 0.58 -1.33
N LYS A 198 17.78 1.21 -2.43
CA LYS A 198 18.18 2.57 -2.76
C LYS A 198 17.11 3.61 -2.40
N THR A 199 15.87 3.18 -2.46
CA THR A 199 14.72 4.06 -2.33
C THR A 199 13.67 3.40 -1.49
N VAL A 200 13.13 4.13 -0.55
CA VAL A 200 11.96 3.71 0.23
C VAL A 200 10.88 4.74 -0.11
N ILE A 201 9.68 4.26 -0.43
CA ILE A 201 8.55 5.15 -0.72
C ILE A 201 7.65 5.13 0.56
N GLY A 202 7.55 6.25 1.24
CA GLY A 202 6.64 6.39 2.35
C GLY A 202 5.20 6.36 1.90
N GLY A 203 4.31 5.77 2.71
CA GLY A 203 2.90 5.67 2.36
C GLY A 203 2.10 6.91 2.66
N HIS A 204 2.67 7.85 3.42
CA HIS A 204 2.07 9.18 3.69
C HIS A 204 3.27 10.17 3.68
N ASP A 205 2.98 11.46 3.72
CA ASP A 205 3.97 12.54 3.65
C ASP A 205 4.71 12.46 2.31
N SER A 206 5.85 13.14 2.16
CA SER A 206 6.57 13.14 0.86
C SER A 206 7.13 11.73 0.57
N PRO A 207 6.80 11.18 -0.59
CA PRO A 207 7.11 9.77 -0.89
C PRO A 207 8.58 9.39 -0.95
N LEU A 208 9.42 10.19 -1.60
CA LEU A 208 10.76 9.72 -2.00
C LEU A 208 11.77 9.91 -0.87
N HIS A 209 12.29 8.68 -0.43
CA HIS A 209 13.32 8.73 0.57
C HIS A 209 14.34 7.67 0.27
N GLY A 210 15.43 7.68 1.04
CA GLY A 210 16.40 6.61 1.02
C GLY A 210 16.10 5.55 2.09
N PRO A 211 16.99 4.57 2.26
CA PRO A 211 16.80 3.53 3.28
C PRO A 211 16.61 4.05 4.70
N GLU A 212 17.13 5.24 4.99
CA GLU A 212 17.10 5.76 6.34
C GLU A 212 15.71 6.16 6.82
N LEU A 213 14.70 6.24 5.93
CA LEU A 213 13.34 6.43 6.38
C LEU A 213 12.96 5.32 7.36
N ILE A 214 13.46 4.11 7.15
CA ILE A 214 13.22 3.04 8.11
C ILE A 214 13.74 3.40 9.52
N ASP A 215 15.01 3.82 9.57
CA ASP A 215 15.58 4.25 10.85
C ASP A 215 14.89 5.46 11.44
N HIS A 216 14.48 6.39 10.59
CA HIS A 216 13.77 7.59 11.04
C HIS A 216 12.50 7.24 11.77
N TYR A 217 11.68 6.37 11.14
CA TYR A 217 10.43 6.00 11.71
C TYR A 217 10.63 5.15 12.96
N GLU A 218 11.59 4.22 12.90
CA GLU A 218 11.93 3.37 14.07
C GLU A 218 12.20 4.21 15.33
N ALA A 219 12.97 5.28 15.15
CA ALA A 219 13.33 6.14 16.27
C ALA A 219 12.10 6.91 16.81
N LEU A 220 11.21 7.33 15.92
CA LEU A 220 9.95 7.99 16.33
C LEU A 220 9.05 7.05 17.12
N ILE A 221 8.87 5.81 16.63
CA ILE A 221 7.96 4.87 17.28
C ILE A 221 8.50 4.40 18.64
N LYS A 222 9.82 4.37 18.78
CA LYS A 222 10.47 4.00 20.04
C LYS A 222 10.33 5.08 21.11
N ALA A 223 10.11 6.31 20.69
CA ALA A 223 9.78 7.42 21.58
C ALA A 223 8.27 7.59 21.88
N ALA A 224 7.38 6.91 21.13
CA ALA A 224 5.93 7.16 21.27
C ALA A 224 5.38 6.69 22.64
N PRO A 225 4.31 7.33 23.09
#